data_6PGM
#
_entry.id   6PGM
#
_cell.length_a   122.898
_cell.length_b   93.911
_cell.length_c   93.831
_cell.angle_alpha   90.00
_cell.angle_beta   128.51
_cell.angle_gamma   90.00
#
_symmetry.space_group_name_H-M   'C 1 2 1'
#
loop_
_entity.id
_entity.type
_entity.pdbx_description
1 polymer 'PirF Geranyltransferase'
2 water water
#
_entity_poly.entity_id   1
_entity_poly.type   'polypeptide(L)'
_entity_poly.pdbx_seq_one_letter_code
;MIVAEIQKNSLKEQRIKFIRNHQQAFDVEPIYPLRLFEDFVMSVEGDCSIEASCKIELDKLIASRFMLFFKDQEWEKYLT
QSLAFFRQVENRVGVQLDYSLLQKFLGHNFDFSKLEVLSAGLDLRTNLADSSLKIHIRIKDYPEKINQALSLTIDGDDLT
AVRDFLSVVGFDFYFDGRSAIEIYPEVKKEDFFKPKTQEKVWQHLPKFVLEPLQVTNLFGFGFSKTNHNPVVYYRLKGRQ
DLTNYFKINDTAQRVHSFYQHQDILPNMWVGTTQKELEKTRIENIRLYYYKSFKM
;
_entity_poly.pdbx_strand_id   A,B
#
# COMPACT_ATOMS: atom_id res chain seq x y z
N MET A 1 -14.58 -1.73 -21.40
CA MET A 1 -15.03 -1.77 -20.01
C MET A 1 -16.37 -2.50 -19.88
N ILE A 2 -16.44 -3.45 -18.92
CA ILE A 2 -17.62 -4.27 -18.65
C ILE A 2 -17.73 -4.46 -17.14
N VAL A 3 -18.82 -3.94 -16.55
CA VAL A 3 -18.94 -3.86 -15.09
C VAL A 3 -18.82 -5.24 -14.45
N ALA A 4 -19.43 -6.24 -15.07
CA ALA A 4 -19.33 -7.59 -14.53
C ALA A 4 -17.90 -8.11 -14.56
N GLU A 5 -17.09 -7.70 -15.54
CA GLU A 5 -15.68 -8.14 -15.60
C GLU A 5 -14.77 -7.38 -14.62
N ILE A 6 -15.18 -6.19 -14.15
CA ILE A 6 -14.43 -5.47 -13.11
C ILE A 6 -14.67 -6.05 -11.72
N GLN A 7 -15.68 -6.90 -11.58
CA GLN A 7 -16.10 -7.40 -10.28
C GLN A 7 -15.11 -8.40 -9.71
N LYS A 8 -14.43 -9.16 -10.58
CA LYS A 8 -13.34 -10.02 -10.12
C LYS A 8 -12.26 -9.15 -9.47
N ASN A 9 -12.07 -9.35 -8.17
CA ASN A 9 -11.08 -8.70 -7.31
C ASN A 9 -11.71 -7.50 -6.61
N SER A 10 -13.03 -7.35 -6.72
CA SER A 10 -13.68 -6.24 -6.05
C SER A 10 -13.58 -6.36 -4.53
N LEU A 11 -13.82 -7.55 -3.99
CA LEU A 11 -13.68 -7.70 -2.54
C LEU A 11 -12.23 -7.49 -2.11
N LYS A 12 -11.29 -7.87 -2.96
CA LYS A 12 -9.88 -7.63 -2.65
C LYS A 12 -9.61 -6.14 -2.43
N GLU A 13 -10.41 -5.25 -3.01
CA GLU A 13 -10.03 -3.84 -2.99
C GLU A 13 -10.33 -3.18 -1.64
N GLN A 14 -11.49 -3.49 -1.04
CA GLN A 14 -11.81 -2.92 0.26
C GLN A 14 -10.89 -3.45 1.37
N ARG A 15 -10.45 -4.70 1.27
CA ARG A 15 -9.48 -5.22 2.23
C ARG A 15 -8.16 -4.45 2.16
N ILE A 16 -7.67 -4.16 0.95
CA ILE A 16 -6.45 -3.35 0.86
C ILE A 16 -6.71 -1.97 1.44
N LYS A 17 -7.86 -1.40 1.10
CA LYS A 17 -8.21 -0.05 1.54
C LYS A 17 -8.16 0.05 3.05
N PHE A 18 -8.74 -0.94 3.73
CA PHE A 18 -8.80 -0.96 5.19
C PHE A 18 -7.40 -1.04 5.79
N ILE A 19 -6.57 -1.93 5.26
CA ILE A 19 -5.19 -2.04 5.71
C ILE A 19 -4.44 -0.71 5.52
N ARG A 20 -4.55 -0.11 4.32
CA ARG A 20 -3.67 1.04 4.03
C ARG A 20 -4.16 2.32 4.67
N ASN A 21 -5.49 2.47 4.82
CA ASN A 21 -6.01 3.61 5.58
C ASN A 21 -5.45 3.63 7.00
N HIS A 22 -5.25 2.46 7.61
CA HIS A 22 -4.71 2.41 8.95
C HIS A 22 -3.19 2.66 8.96
N GLN A 23 -2.46 2.11 7.98
CA GLN A 23 -1.03 2.37 7.96
C GLN A 23 -0.74 3.83 7.66
N GLN A 24 -1.55 4.45 6.81
CA GLN A 24 -1.39 5.87 6.55
C GLN A 24 -1.84 6.70 7.76
N ALA A 25 -2.93 6.30 8.43
CA ALA A 25 -3.47 7.16 9.49
C ALA A 25 -2.57 7.19 10.72
N PHE A 26 -1.83 6.12 10.98
CA PHE A 26 -1.00 6.10 12.18
C PHE A 26 0.48 5.79 11.89
N ASP A 27 0.96 6.10 10.68
CA ASP A 27 2.40 6.11 10.36
C ASP A 27 3.08 4.76 10.65
N VAL A 28 2.45 3.68 10.20
CA VAL A 28 2.94 2.34 10.49
C VAL A 28 4.12 2.02 9.57
N GLU A 29 5.28 1.78 10.16
CA GLU A 29 6.49 1.39 9.47
C GLU A 29 7.10 0.19 10.19
N PRO A 30 8.00 -0.56 9.54
CA PRO A 30 8.35 -0.45 8.12
C PRO A 30 7.20 -0.99 7.28
N ILE A 31 7.03 -0.51 6.05
CA ILE A 31 5.83 -0.82 5.29
C ILE A 31 5.92 -2.21 4.68
N TYR A 32 7.13 -2.70 4.45
CA TYR A 32 7.27 -3.94 3.69
C TYR A 32 6.58 -5.14 4.35
N PRO A 33 6.75 -5.40 5.65
CA PRO A 33 5.99 -6.51 6.26
C PRO A 33 4.48 -6.32 6.12
N LEU A 34 4.00 -5.09 6.04
CA LEU A 34 2.58 -4.87 5.83
C LEU A 34 2.14 -5.29 4.44
N ARG A 35 3.06 -5.28 3.50
CA ARG A 35 2.78 -5.70 2.13
C ARG A 35 2.57 -7.21 2.06
N LEU A 36 3.40 -7.97 2.79
CA LEU A 36 3.23 -9.42 2.83
C LEU A 36 1.91 -9.80 3.50
N PHE A 37 1.54 -9.11 4.59
CA PHE A 37 0.24 -9.35 5.18
C PHE A 37 -0.86 -9.05 4.18
N GLU A 38 -0.69 -7.97 3.41
CA GLU A 38 -1.65 -7.66 2.37
C GLU A 38 -1.72 -8.77 1.32
N ASP A 39 -0.57 -9.34 0.91
CA ASP A 39 -0.63 -10.47 -0.02
C ASP A 39 -1.36 -11.65 0.61
N PHE A 40 -1.12 -11.89 1.90
CA PHE A 40 -1.79 -12.97 2.63
C PHE A 40 -3.31 -12.77 2.61
N VAL A 41 -3.77 -11.55 2.90
CA VAL A 41 -5.20 -11.27 2.88
C VAL A 41 -5.77 -11.42 1.47
N MET A 42 -4.98 -11.11 0.44
CA MET A 42 -5.45 -11.29 -0.94
C MET A 42 -5.73 -12.75 -1.27
N SER A 43 -5.03 -13.69 -0.64
CA SER A 43 -5.17 -15.06 -1.09
C SER A 43 -6.37 -15.77 -0.46
N VAL A 44 -7.05 -15.14 0.49
CA VAL A 44 -8.19 -15.74 1.16
C VAL A 44 -9.40 -15.64 0.23
N GLU A 45 -10.00 -16.78 -0.09
CA GLU A 45 -11.05 -16.76 -1.10
C GLU A 45 -12.43 -16.46 -0.51
N GLY A 46 -12.70 -16.90 0.72
CA GLY A 46 -14.02 -16.81 1.31
C GLY A 46 -14.27 -15.55 2.11
N ASP A 47 -15.19 -15.67 3.06
CA ASP A 47 -15.53 -14.60 4.00
C ASP A 47 -14.37 -14.37 4.98
N CYS A 48 -14.20 -13.12 5.39
CA CYS A 48 -13.27 -12.87 6.49
C CYS A 48 -13.59 -11.54 7.18
N SER A 49 -13.00 -11.35 8.34
CA SER A 49 -12.88 -10.04 8.98
C SER A 49 -11.40 -9.71 9.11
N ILE A 50 -11.08 -8.42 9.19
CA ILE A 50 -9.77 -7.97 9.58
C ILE A 50 -9.91 -7.16 10.85
N GLU A 51 -9.08 -7.47 11.84
CA GLU A 51 -9.02 -6.72 13.08
C GLU A 51 -7.83 -5.79 12.99
N ALA A 52 -8.05 -4.51 13.28
CA ALA A 52 -7.01 -3.50 13.28
C ALA A 52 -6.93 -2.89 14.68
N SER A 53 -5.73 -2.86 15.27
CA SER A 53 -5.60 -2.35 16.63
C SER A 53 -4.34 -1.47 16.77
N CYS A 54 -4.42 -0.51 17.70
CA CYS A 54 -3.28 0.31 18.11
C CYS A 54 -3.04 0.16 19.60
N LYS A 55 -1.76 0.08 19.97
CA LYS A 55 -1.33 0.08 21.35
C LYS A 55 -0.82 1.47 21.71
N ILE A 56 -1.38 2.05 22.75
CA ILE A 56 -1.11 3.42 23.16
C ILE A 56 -0.45 3.37 24.54
N GLU A 57 0.73 3.97 24.66
CA GLU A 57 1.36 4.15 25.96
C GLU A 57 1.74 5.62 26.09
N LEU A 58 1.07 6.31 27.02
CA LEU A 58 1.27 7.75 27.30
C LEU A 58 0.87 8.49 26.03
N ASP A 59 1.73 9.34 25.46
CA ASP A 59 1.40 10.07 24.24
C ASP A 59 1.82 9.32 22.97
N LYS A 60 2.22 8.05 23.05
CA LYS A 60 2.84 7.33 21.95
C LYS A 60 1.94 6.21 21.40
N LEU A 61 1.79 6.19 20.07
CA LEU A 61 1.39 4.98 19.36
C LEU A 61 2.59 4.05 19.28
N ILE A 62 2.56 2.95 20.02
CA ILE A 62 3.73 2.10 20.15
C ILE A 62 3.64 0.84 19.31
N ALA A 63 2.49 0.54 18.73
CA ALA A 63 2.29 -0.71 18.02
C ALA A 63 1.00 -0.60 17.23
N SER A 64 1.00 -1.21 16.03
CA SER A 64 -0.20 -1.43 15.24
C SER A 64 -0.22 -2.88 14.84
N ARG A 65 -1.41 -3.46 14.82
CA ARG A 65 -1.56 -4.88 14.61
C ARG A 65 -2.71 -5.13 13.66
N PHE A 66 -2.57 -6.17 12.84
CA PHE A 66 -3.63 -6.62 11.97
C PHE A 66 -3.77 -8.12 12.09
N MET A 67 -5.01 -8.59 12.28
CA MET A 67 -5.28 -10.01 12.26
C MET A 67 -6.41 -10.30 11.26
N LEU A 68 -6.25 -11.38 10.52
CA LEU A 68 -7.27 -11.85 9.60
C LEU A 68 -8.08 -12.98 10.25
N PHE A 69 -9.38 -12.79 10.40
CA PHE A 69 -10.24 -13.84 10.94
C PHE A 69 -10.88 -14.65 9.81
N PHE A 70 -10.57 -15.94 9.76
CA PHE A 70 -11.21 -16.83 8.80
C PHE A 70 -12.64 -17.11 9.23
N LYS A 71 -13.54 -17.22 8.27
CA LYS A 71 -14.98 -17.29 8.56
C LYS A 71 -15.62 -18.64 8.26
N ASP A 72 -15.15 -19.37 7.25
CA ASP A 72 -15.68 -20.72 7.03
C ASP A 72 -14.99 -21.68 8.01
N GLN A 73 -14.91 -22.97 7.69
CA GLN A 73 -14.39 -23.92 8.66
C GLN A 73 -13.34 -24.86 8.08
N GLU A 74 -12.67 -24.46 7.01
CA GLU A 74 -11.61 -25.28 6.40
C GLU A 74 -10.29 -25.02 7.15
N TRP A 75 -10.23 -25.53 8.38
CA TRP A 75 -9.22 -25.05 9.33
C TRP A 75 -7.80 -25.39 8.89
N GLU A 76 -7.60 -26.61 8.40
CA GLU A 76 -6.26 -27.05 7.99
C GLU A 76 -5.72 -26.18 6.86
N LYS A 77 -6.58 -25.88 5.87
CA LYS A 77 -6.22 -24.97 4.79
C LYS A 77 -5.76 -23.62 5.36
N TYR A 78 -6.50 -23.07 6.33
CA TYR A 78 -6.19 -21.73 6.83
C TYR A 78 -4.84 -21.71 7.54
N LEU A 79 -4.56 -22.74 8.33
CA LEU A 79 -3.27 -22.85 9.00
C LEU A 79 -2.14 -22.93 7.98
N THR A 80 -2.36 -23.69 6.89
CA THR A 80 -1.39 -23.76 5.82
C THR A 80 -1.20 -22.39 5.16
N GLN A 81 -2.30 -21.71 4.82
CA GLN A 81 -2.20 -20.36 4.30
C GLN A 81 -1.51 -19.44 5.29
N SER A 82 -1.75 -19.63 6.57
CA SER A 82 -1.07 -18.80 7.56
C SER A 82 0.43 -19.09 7.58
N LEU A 83 0.80 -20.37 7.64
CA LEU A 83 2.23 -20.73 7.64
C LEU A 83 2.94 -20.27 6.37
N ALA A 84 2.27 -20.28 5.22
CA ALA A 84 2.91 -19.79 4.02
C ALA A 84 3.18 -18.29 4.13
N PHE A 85 2.26 -17.55 4.75
CA PHE A 85 2.54 -16.13 4.99
C PHE A 85 3.76 -15.98 5.91
N PHE A 86 3.85 -16.80 6.97
CA PHE A 86 5.01 -16.75 7.86
C PHE A 86 6.31 -17.02 7.11
N ARG A 87 6.34 -18.04 6.24
CA ARG A 87 7.57 -18.29 5.48
C ARG A 87 7.95 -17.07 4.63
N GLN A 88 6.97 -16.42 4.03
CA GLN A 88 7.30 -15.25 3.21
C GLN A 88 7.86 -14.11 4.08
N VAL A 89 7.40 -13.95 5.31
CA VAL A 89 8.02 -12.96 6.17
C VAL A 89 9.46 -13.37 6.49
N GLU A 90 9.66 -14.64 6.83
CA GLU A 90 11.01 -15.11 7.11
C GLU A 90 11.95 -14.85 5.94
N ASN A 91 11.58 -15.34 4.74
CA ASN A 91 12.46 -15.25 3.59
C ASN A 91 12.78 -13.80 3.21
N ARG A 92 11.76 -12.94 3.12
CA ARG A 92 11.97 -11.63 2.51
C ARG A 92 12.21 -10.50 3.50
N VAL A 93 11.82 -10.63 4.77
CA VAL A 93 12.31 -9.65 5.73
C VAL A 93 13.71 -10.02 6.19
N GLY A 94 13.98 -11.33 6.30
CA GLY A 94 15.29 -11.85 6.62
C GLY A 94 15.49 -12.21 8.07
N VAL A 95 14.50 -12.89 8.67
CA VAL A 95 14.55 -13.31 10.07
C VAL A 95 14.19 -14.79 10.15
N GLN A 96 14.45 -15.39 11.31
CA GLN A 96 14.15 -16.79 11.57
C GLN A 96 13.28 -16.91 12.81
N LEU A 97 12.11 -17.53 12.66
CA LEU A 97 11.13 -17.62 13.73
C LEU A 97 11.26 -18.97 14.42
N ASP A 98 10.84 -19.01 15.69
CA ASP A 98 10.86 -20.24 16.49
C ASP A 98 9.46 -20.87 16.48
N TYR A 99 9.34 -22.03 15.83
CA TYR A 99 8.07 -22.72 15.70
C TYR A 99 7.86 -23.84 16.74
N SER A 100 8.74 -23.96 17.74
CA SER A 100 8.68 -25.12 18.64
C SER A 100 7.39 -25.17 19.45
N LEU A 101 6.99 -24.05 20.06
CA LEU A 101 5.77 -24.06 20.86
C LEU A 101 4.54 -24.41 20.02
N LEU A 102 4.46 -23.87 18.79
CA LEU A 102 3.33 -24.22 17.93
C LEU A 102 3.39 -25.69 17.53
N GLN A 103 4.59 -26.17 17.22
CA GLN A 103 4.70 -27.58 16.84
C GLN A 103 4.39 -28.51 18.01
N LYS A 104 4.79 -28.12 19.23
CA LYS A 104 4.53 -28.94 20.41
C LYS A 104 3.05 -28.98 20.74
N PHE A 105 2.36 -27.84 20.59
CA PHE A 105 0.93 -27.78 20.83
C PHE A 105 0.16 -28.59 19.81
N LEU A 106 0.57 -28.52 18.54
CA LEU A 106 -0.17 -29.25 17.51
C LEU A 106 0.11 -30.74 17.58
N GLY A 107 1.38 -31.11 17.72
CA GLY A 107 1.73 -32.52 17.64
C GLY A 107 1.34 -33.00 16.26
N HIS A 108 1.22 -34.30 16.12
CA HIS A 108 0.81 -34.88 14.86
C HIS A 108 -0.50 -35.63 15.01
N ASN A 109 -1.42 -35.11 15.85
CA ASN A 109 -2.72 -35.74 16.05
C ASN A 109 -3.78 -34.73 16.52
N PHE A 110 -3.67 -33.47 16.11
CA PHE A 110 -4.63 -32.45 16.47
C PHE A 110 -6.00 -32.73 15.85
N ASP A 111 -7.07 -32.52 16.63
CA ASP A 111 -8.45 -32.70 16.16
C ASP A 111 -8.98 -31.33 15.72
N PHE A 112 -8.94 -31.10 14.41
CA PHE A 112 -9.30 -29.77 13.91
C PHE A 112 -10.79 -29.47 14.01
N SER A 113 -11.65 -30.48 14.19
CA SER A 113 -13.07 -30.22 14.36
C SER A 113 -13.37 -29.45 15.65
N LYS A 114 -12.48 -29.52 16.64
CA LYS A 114 -12.68 -28.83 17.90
C LYS A 114 -12.34 -27.34 17.82
N LEU A 115 -11.99 -26.85 16.63
CA LEU A 115 -11.66 -25.45 16.43
C LEU A 115 -12.92 -24.62 16.19
N GLU A 116 -12.96 -23.43 16.77
CA GLU A 116 -14.06 -22.50 16.56
C GLU A 116 -13.64 -21.22 15.86
N VAL A 117 -12.47 -20.68 16.19
CA VAL A 117 -11.94 -19.44 15.60
C VAL A 117 -10.48 -19.67 15.26
N LEU A 118 -10.06 -19.20 14.09
CA LEU A 118 -8.64 -19.14 13.75
C LEU A 118 -8.35 -17.78 13.13
N SER A 119 -7.32 -17.10 13.64
CA SER A 119 -6.89 -15.84 13.07
C SER A 119 -5.36 -15.77 13.08
N ALA A 120 -4.81 -15.02 12.12
CA ALA A 120 -3.36 -14.92 11.96
C ALA A 120 -3.04 -13.53 11.47
N GLY A 121 -1.82 -13.06 11.77
CA GLY A 121 -1.48 -11.68 11.43
C GLY A 121 -0.17 -11.26 12.04
N LEU A 122 -0.02 -9.95 12.23
CA LEU A 122 1.29 -9.41 12.59
C LEU A 122 1.14 -8.16 13.41
N ASP A 123 2.02 -8.03 14.39
CA ASP A 123 2.13 -6.86 15.27
C ASP A 123 3.40 -6.08 14.88
N LEU A 124 3.24 -4.82 14.51
CA LEU A 124 4.35 -4.00 14.03
C LEU A 124 4.72 -3.00 15.09
N ARG A 125 5.98 -3.03 15.51
CA ARG A 125 6.52 -2.08 16.48
C ARG A 125 7.74 -1.37 15.89
N THR A 126 7.95 -0.12 16.31
CA THR A 126 8.96 0.67 15.64
C THR A 126 10.36 0.06 15.77
N ASN A 127 10.60 -0.76 16.80
CA ASN A 127 11.82 -1.55 16.90
C ASN A 127 11.56 -2.92 16.28
N LEU A 128 12.10 -3.14 15.07
CA LEU A 128 11.77 -4.33 14.29
C LEU A 128 11.94 -5.60 15.09
N ALA A 129 12.92 -5.66 16.00
CA ALA A 129 13.10 -6.89 16.75
C ALA A 129 11.90 -7.18 17.65
N ASP A 130 11.16 -6.16 18.08
CA ASP A 130 10.02 -6.40 18.95
C ASP A 130 8.72 -6.69 18.18
N SER A 131 8.75 -6.64 16.86
CA SER A 131 7.58 -7.01 16.05
C SER A 131 7.41 -8.52 16.02
N SER A 132 6.18 -8.96 15.71
CA SER A 132 5.88 -10.39 15.81
C SER A 132 4.76 -10.77 14.86
N LEU A 133 4.78 -12.04 14.45
CA LEU A 133 3.65 -12.71 13.84
C LEU A 133 2.86 -13.46 14.91
N LYS A 134 1.53 -13.53 14.72
CA LYS A 134 0.65 -14.16 15.71
C LYS A 134 -0.33 -15.13 15.06
N ILE A 135 -0.67 -16.17 15.82
CA ILE A 135 -1.83 -17.00 15.57
C ILE A 135 -2.66 -17.06 16.87
N HIS A 136 -3.96 -16.83 16.74
CA HIS A 136 -4.87 -16.85 17.87
C HIS A 136 -5.90 -17.92 17.60
N ILE A 137 -6.08 -18.83 18.54
CA ILE A 137 -6.92 -20.00 18.31
C ILE A 137 -7.98 -20.09 19.39
N ARG A 138 -9.16 -20.59 19.02
CA ARG A 138 -10.23 -20.87 19.99
C ARG A 138 -10.71 -22.28 19.78
N ILE A 139 -10.51 -23.14 20.76
CA ILE A 139 -11.00 -24.51 20.72
C ILE A 139 -12.11 -24.70 21.76
N LYS A 140 -13.04 -25.59 21.46
CA LYS A 140 -14.14 -25.89 22.38
C LYS A 140 -14.24 -27.39 22.62
N ASP A 141 -14.26 -27.76 23.91
CA ASP A 141 -14.39 -29.15 24.36
C ASP A 141 -13.23 -30.00 23.88
N TYR A 142 -12.04 -29.52 24.22
CA TYR A 142 -10.77 -30.17 23.85
C TYR A 142 -9.84 -30.07 25.05
N PRO A 143 -10.19 -30.72 26.17
CA PRO A 143 -9.36 -30.57 27.39
C PRO A 143 -7.95 -31.11 27.25
N GLU A 144 -7.74 -32.12 26.39
CA GLU A 144 -6.38 -32.59 26.14
C GLU A 144 -5.48 -31.44 25.70
N LYS A 145 -5.92 -30.65 24.72
CA LYS A 145 -5.10 -29.54 24.23
C LYS A 145 -5.07 -28.37 25.19
N ILE A 146 -6.18 -28.09 25.88
CA ILE A 146 -6.14 -27.07 26.93
C ILE A 146 -5.07 -27.43 27.94
N ASN A 147 -5.08 -28.68 28.40
CA ASN A 147 -4.07 -29.13 29.36
C ASN A 147 -2.68 -29.02 28.77
N GLN A 148 -2.53 -29.43 27.51
CA GLN A 148 -1.21 -29.31 26.88
C GLN A 148 -0.75 -27.86 26.83
N ALA A 149 -1.66 -26.94 26.47
CA ALA A 149 -1.27 -25.53 26.45
C ALA A 149 -0.84 -25.08 27.83
N LEU A 150 -1.62 -25.42 28.86
CA LEU A 150 -1.25 -25.12 30.24
C LEU A 150 0.19 -25.56 30.55
N SER A 151 0.55 -26.77 30.15
CA SER A 151 1.90 -27.25 30.46
C SER A 151 2.97 -26.42 29.77
N LEU A 152 2.72 -26.02 28.51
CA LEU A 152 3.68 -25.28 27.70
C LEU A 152 3.79 -23.82 28.06
N THR A 153 2.76 -23.24 28.69
CA THR A 153 2.81 -21.84 29.08
C THR A 153 3.67 -21.68 30.32
N ILE A 154 4.05 -20.45 30.61
CA ILE A 154 4.81 -20.14 31.81
C ILE A 154 3.83 -19.84 32.93
N ASP A 155 4.02 -20.50 34.07
CA ASP A 155 3.10 -20.41 35.23
C ASP A 155 1.68 -20.79 34.83
N GLY A 156 1.56 -21.92 34.13
CA GLY A 156 0.24 -22.41 33.79
C GLY A 156 -0.60 -22.79 34.99
N ASP A 157 0.03 -23.02 36.14
CA ASP A 157 -0.70 -23.51 37.30
C ASP A 157 -1.72 -22.50 37.81
N ASP A 158 -1.42 -21.20 37.67
CA ASP A 158 -2.34 -20.17 38.13
C ASP A 158 -3.72 -20.30 37.49
N LEU A 159 -3.78 -20.81 36.28
CA LEU A 159 -5.01 -20.86 35.50
C LEU A 159 -5.85 -22.09 35.78
N THR A 160 -5.35 -23.01 36.60
CA THR A 160 -6.12 -24.21 36.89
C THR A 160 -7.41 -23.88 37.64
N ALA A 161 -7.41 -22.80 38.43
CA ALA A 161 -8.62 -22.37 39.13
C ALA A 161 -9.75 -22.03 38.17
N VAL A 162 -9.43 -21.61 36.94
CA VAL A 162 -10.43 -21.13 36.00
C VAL A 162 -10.48 -22.02 34.77
N ARG A 163 -10.15 -23.31 34.95
CA ARG A 163 -9.93 -24.18 33.80
C ARG A 163 -11.16 -24.24 32.90
N ASP A 164 -12.36 -24.23 33.47
CA ASP A 164 -13.53 -24.27 32.60
C ASP A 164 -13.76 -22.97 31.86
N PHE A 165 -12.88 -21.98 32.04
CA PHE A 165 -13.01 -20.69 31.37
C PHE A 165 -11.98 -20.52 30.25
N LEU A 166 -11.15 -21.54 29.99
CA LEU A 166 -10.07 -21.46 29.01
C LEU A 166 -10.55 -21.90 27.63
N SER A 167 -10.27 -21.07 26.62
CA SER A 167 -10.77 -21.35 25.29
C SER A 167 -9.86 -20.79 24.21
N VAL A 168 -9.02 -19.82 24.56
CA VAL A 168 -8.19 -19.10 23.59
C VAL A 168 -6.73 -19.38 23.87
N VAL A 169 -6.05 -19.97 22.90
CA VAL A 169 -4.60 -20.17 22.94
C VAL A 169 -3.99 -19.26 21.87
N GLY A 170 -3.04 -18.42 22.26
CA GLY A 170 -2.37 -17.53 21.33
C GLY A 170 -0.91 -17.90 21.20
N PHE A 171 -0.34 -17.60 20.03
CA PHE A 171 1.06 -17.87 19.75
C PHE A 171 1.71 -16.60 19.25
N ASP A 172 2.86 -16.26 19.82
CA ASP A 172 3.64 -15.12 19.35
C ASP A 172 4.95 -15.60 18.73
N PHE A 173 5.29 -15.06 17.56
CA PHE A 173 6.55 -15.34 16.89
C PHE A 173 7.25 -14.00 16.59
N TYR A 174 8.15 -13.60 17.46
CA TYR A 174 8.89 -12.35 17.34
C TYR A 174 9.98 -12.44 16.27
N PHE A 175 10.26 -11.30 15.64
CA PHE A 175 11.17 -11.28 14.49
C PHE A 175 12.60 -11.64 14.89
N ASP A 176 13.00 -11.37 16.14
CA ASP A 176 14.34 -11.75 16.60
C ASP A 176 14.41 -13.19 17.04
N GLY A 177 13.34 -13.97 16.85
CA GLY A 177 13.35 -15.38 17.14
C GLY A 177 12.85 -15.76 18.51
N ARG A 178 12.36 -14.81 19.31
CA ARG A 178 11.68 -15.19 20.53
C ARG A 178 10.30 -15.74 20.18
N SER A 179 9.73 -16.52 21.08
CA SER A 179 8.41 -17.09 20.85
C SER A 179 7.67 -17.25 22.17
N ALA A 180 6.34 -17.35 22.11
CA ALA A 180 5.55 -17.49 23.32
C ALA A 180 4.23 -18.18 23.01
N ILE A 181 3.68 -18.87 24.02
CA ILE A 181 2.33 -19.45 23.97
C ILE A 181 1.56 -18.93 25.17
N GLU A 182 0.26 -18.68 25.01
CA GLU A 182 -0.52 -18.12 26.09
C GLU A 182 -1.98 -18.56 25.96
N ILE A 183 -2.60 -18.84 27.10
CA ILE A 183 -4.03 -19.14 27.21
C ILE A 183 -4.73 -17.93 27.82
N TYR A 184 -5.93 -17.64 27.35
CA TYR A 184 -6.69 -16.48 27.81
C TYR A 184 -8.08 -16.90 28.25
N PRO A 185 -8.38 -16.84 29.54
CA PRO A 185 -9.73 -17.20 29.99
C PRO A 185 -10.74 -16.11 29.71
N GLU A 186 -11.98 -16.52 29.41
CA GLU A 186 -13.04 -15.61 29.00
C GLU A 186 -14.37 -16.01 29.65
N VAL A 187 -15.28 -15.04 29.72
CA VAL A 187 -16.63 -15.24 30.23
C VAL A 187 -17.62 -14.62 29.25
N LYS A 188 -18.52 -15.44 28.71
CA LYS A 188 -19.56 -14.90 27.87
C LYS A 188 -20.61 -14.18 28.72
N LYS A 189 -21.22 -13.17 28.10
CA LYS A 189 -22.34 -12.42 28.67
C LYS A 189 -23.35 -13.35 29.35
N GLU A 190 -23.86 -14.33 28.61
CA GLU A 190 -24.85 -15.29 29.08
C GLU A 190 -24.39 -16.08 30.31
N ASP A 191 -23.15 -15.87 30.77
CA ASP A 191 -22.65 -16.51 31.98
C ASP A 191 -22.31 -15.48 33.04
N PHE A 192 -22.66 -14.22 32.82
CA PHE A 192 -22.26 -13.19 33.79
C PHE A 192 -22.89 -13.44 35.16
N PHE A 193 -24.12 -13.98 35.17
CA PHE A 193 -24.87 -14.13 36.42
C PHE A 193 -25.06 -15.60 36.79
N LYS A 194 -23.96 -16.34 36.78
CA LYS A 194 -23.95 -17.73 37.17
C LYS A 194 -22.95 -17.90 38.30
N PRO A 195 -23.35 -18.52 39.41
CA PRO A 195 -22.50 -18.53 40.61
C PRO A 195 -21.10 -19.03 40.37
N LYS A 196 -20.91 -19.88 39.36
CA LYS A 196 -19.56 -20.33 39.00
C LYS A 196 -18.70 -19.15 38.57
N THR A 197 -19.22 -18.30 37.67
CA THR A 197 -18.53 -17.06 37.32
C THR A 197 -18.28 -16.20 38.54
N GLN A 198 -19.27 -16.08 39.41
CA GLN A 198 -19.13 -15.25 40.59
C GLN A 198 -18.05 -15.78 41.53
N GLU A 199 -18.06 -17.10 41.78
CA GLU A 199 -17.09 -17.68 42.71
C GLU A 199 -15.67 -17.64 42.15
N LYS A 200 -15.50 -18.03 40.88
CA LYS A 200 -14.18 -18.17 40.29
C LYS A 200 -13.61 -16.88 39.69
N VAL A 201 -14.46 -15.96 39.23
CA VAL A 201 -13.98 -14.78 38.50
C VAL A 201 -14.36 -13.49 39.23
N TRP A 202 -15.67 -13.18 39.24
CA TRP A 202 -16.13 -11.87 39.74
C TRP A 202 -15.66 -11.62 41.16
N GLN A 203 -15.59 -12.67 41.98
CA GLN A 203 -15.26 -12.45 43.39
C GLN A 203 -13.89 -11.80 43.56
N HIS A 204 -12.94 -12.16 42.70
CA HIS A 204 -11.55 -11.74 42.87
C HIS A 204 -11.24 -10.40 42.23
N LEU A 205 -12.26 -9.65 41.79
CA LEU A 205 -11.98 -8.47 40.99
C LEU A 205 -12.65 -7.24 41.58
N PRO A 206 -11.96 -6.10 41.61
CA PRO A 206 -12.53 -4.89 42.22
C PRO A 206 -13.73 -4.39 41.45
N LYS A 207 -14.46 -3.49 42.11
CA LYS A 207 -15.65 -2.88 41.51
C LYS A 207 -15.33 -2.15 40.21
N PHE A 208 -14.20 -1.43 40.17
CA PHE A 208 -13.95 -0.62 38.99
C PHE A 208 -13.65 -1.48 37.76
N VAL A 209 -13.11 -2.69 37.95
CA VAL A 209 -12.98 -3.62 36.85
C VAL A 209 -14.35 -4.08 36.37
N LEU A 210 -15.29 -4.32 37.30
CA LEU A 210 -16.56 -4.95 36.97
C LEU A 210 -17.55 -4.00 36.29
N GLU A 211 -17.35 -2.71 36.42
CA GLU A 211 -18.34 -1.76 35.93
C GLU A 211 -18.53 -1.74 34.43
N PRO A 212 -17.50 -1.82 33.58
CA PRO A 212 -17.77 -1.82 32.12
C PRO A 212 -18.52 -3.05 31.66
N LEU A 213 -18.65 -4.07 32.52
CA LEU A 213 -19.37 -5.26 32.11
C LEU A 213 -20.81 -4.93 31.72
N GLN A 214 -21.35 -3.85 32.29
CA GLN A 214 -22.67 -3.30 31.96
C GLN A 214 -22.87 -3.23 30.46
N VAL A 215 -21.79 -2.95 29.76
CA VAL A 215 -21.86 -2.63 28.35
C VAL A 215 -21.01 -3.61 27.53
N THR A 216 -20.72 -4.78 28.11
CA THR A 216 -19.80 -5.78 27.57
C THR A 216 -20.51 -7.10 27.28
N ASN A 217 -20.26 -7.69 26.10
CA ASN A 217 -20.77 -9.02 25.80
C ASN A 217 -19.73 -10.13 25.90
N LEU A 218 -18.45 -9.82 26.09
CA LEU A 218 -17.45 -10.87 26.28
C LEU A 218 -16.29 -10.30 27.07
N PHE A 219 -15.91 -10.97 28.15
CA PHE A 219 -14.90 -10.45 29.07
C PHE A 219 -13.71 -11.40 29.14
N GLY A 220 -12.51 -10.83 29.06
CA GLY A 220 -11.29 -11.60 29.11
C GLY A 220 -10.41 -11.05 30.21
N PHE A 221 -9.66 -11.96 30.85
CA PHE A 221 -8.83 -11.56 31.96
C PHE A 221 -7.65 -12.51 32.01
N GLY A 222 -6.60 -12.11 32.71
CA GLY A 222 -5.40 -12.91 32.67
C GLY A 222 -4.49 -12.72 33.85
N PHE A 223 -4.71 -13.51 34.89
CA PHE A 223 -3.96 -13.42 36.15
C PHE A 223 -2.53 -13.93 35.95
N SER A 224 -1.59 -13.01 35.72
CA SER A 224 -0.18 -13.35 35.49
C SER A 224 0.77 -12.28 36.04
N ASN A 229 -2.28 -7.45 39.87
CA ASN A 229 -2.51 -6.68 38.65
C ASN A 229 -2.70 -7.54 37.41
N PRO A 230 -3.95 -7.93 37.13
CA PRO A 230 -4.23 -8.73 35.93
C PRO A 230 -4.38 -7.85 34.69
N VAL A 231 -4.36 -8.51 33.54
CA VAL A 231 -4.80 -7.90 32.28
C VAL A 231 -6.28 -8.19 32.11
N VAL A 232 -7.03 -7.23 31.58
CA VAL A 232 -8.46 -7.40 31.34
C VAL A 232 -8.77 -6.97 29.92
N TYR A 233 -9.75 -7.63 29.31
CA TYR A 233 -10.22 -7.32 27.96
C TYR A 233 -11.74 -7.20 27.96
N TYR A 234 -12.27 -6.12 27.39
CA TYR A 234 -13.71 -5.92 27.29
C TYR A 234 -14.12 -5.87 25.82
N ARG A 235 -14.99 -6.78 25.41
CA ARG A 235 -15.62 -6.68 24.11
C ARG A 235 -16.88 -5.85 24.28
N LEU A 236 -16.80 -4.58 23.90
CA LEU A 236 -17.91 -3.68 24.09
C LEU A 236 -18.92 -3.89 22.98
N LYS A 237 -20.20 -3.75 23.31
CA LYS A 237 -21.22 -4.01 22.31
C LYS A 237 -21.18 -2.98 21.21
N GLY A 238 -21.20 -1.71 21.55
CA GLY A 238 -21.13 -0.67 20.54
C GLY A 238 -19.88 0.18 20.70
N ARG A 239 -19.45 0.82 19.61
CA ARG A 239 -18.28 1.69 19.64
C ARG A 239 -18.53 3.02 20.34
N GLN A 240 -19.79 3.39 20.61
CA GLN A 240 -20.05 4.65 21.29
C GLN A 240 -19.70 4.62 22.78
N ASP A 241 -19.65 3.45 23.40
CA ASP A 241 -19.53 3.38 24.84
C ASP A 241 -18.11 3.37 25.36
N LEU A 242 -17.09 3.43 24.50
CA LEU A 242 -15.71 3.48 25.02
C LEU A 242 -15.53 4.67 25.96
N THR A 243 -15.86 5.88 25.50
CA THR A 243 -15.57 7.02 26.36
C THR A 243 -16.58 7.20 27.48
N ASN A 244 -17.73 6.50 27.42
CA ASN A 244 -18.66 6.50 28.53
C ASN A 244 -18.12 5.72 29.72
N TYR A 245 -17.36 4.65 29.46
CA TYR A 245 -16.91 3.77 30.52
C TYR A 245 -15.40 3.72 30.70
N PHE A 246 -14.62 4.43 29.89
CA PHE A 246 -13.18 4.39 30.06
C PHE A 246 -12.61 5.79 30.01
N LYS A 247 -11.69 6.08 30.92
CA LYS A 247 -11.05 7.39 30.98
C LYS A 247 -9.78 7.37 30.13
N ILE A 248 -9.94 7.58 28.80
CA ILE A 248 -8.80 7.43 27.89
C ILE A 248 -8.10 8.76 27.67
N ASN A 249 -6.81 8.68 27.33
CA ASN A 249 -5.99 9.87 27.12
C ASN A 249 -6.22 10.43 25.72
N ASP A 250 -5.38 11.40 25.33
CA ASP A 250 -5.66 12.16 24.11
C ASP A 250 -5.27 11.40 22.84
N THR A 251 -4.15 10.66 22.85
CA THR A 251 -3.78 9.97 21.62
C THR A 251 -4.60 8.69 21.42
N ALA A 252 -5.03 8.05 22.50
CA ALA A 252 -6.03 6.99 22.36
C ALA A 252 -7.36 7.54 21.83
N GLN A 253 -7.73 8.75 22.23
CA GLN A 253 -8.97 9.35 21.72
C GLN A 253 -8.91 9.54 20.21
N ARG A 254 -7.76 9.99 19.70
CA ARG A 254 -7.63 10.20 18.25
C ARG A 254 -7.78 8.90 17.49
N VAL A 255 -7.13 7.84 17.97
CA VAL A 255 -7.32 6.51 17.38
C VAL A 255 -8.81 6.18 17.32
N HIS A 256 -9.49 6.31 18.45
CA HIS A 256 -10.92 5.98 18.50
C HIS A 256 -11.72 6.86 17.56
N SER A 257 -11.37 8.15 17.46
CA SER A 257 -12.14 9.06 16.62
C SER A 257 -11.98 8.72 15.15
N PHE A 258 -10.78 8.28 14.74
CA PHE A 258 -10.59 7.84 13.36
C PHE A 258 -11.57 6.74 12.99
N TYR A 259 -11.68 5.71 13.83
CA TYR A 259 -12.58 4.59 13.55
C TYR A 259 -14.01 4.85 13.97
N GLN A 260 -14.25 5.89 14.76
CA GLN A 260 -15.60 6.22 15.21
C GLN A 260 -16.52 6.51 14.02
N HIS A 261 -16.05 7.33 13.08
CA HIS A 261 -16.82 7.59 11.87
C HIS A 261 -17.12 6.31 11.10
N GLN A 262 -16.08 5.53 10.85
CA GLN A 262 -16.07 4.52 9.79
C GLN A 262 -17.22 3.52 9.91
N ASP A 263 -17.57 2.94 8.76
CA ASP A 263 -18.65 1.97 8.66
C ASP A 263 -18.03 0.58 8.86
N ILE A 264 -17.73 0.30 10.12
CA ILE A 264 -17.13 -0.96 10.52
C ILE A 264 -18.10 -1.69 11.43
N LEU A 265 -17.74 -2.89 11.87
CA LEU A 265 -18.57 -3.63 12.79
C LEU A 265 -18.80 -2.85 14.09
N PRO A 266 -19.95 -3.06 14.73
CA PRO A 266 -20.24 -2.32 15.97
C PRO A 266 -19.32 -2.71 17.11
N ASN A 267 -19.11 -4.02 17.35
CA ASN A 267 -18.29 -4.50 18.46
C ASN A 267 -16.84 -4.02 18.33
N MET A 268 -16.22 -3.74 19.47
CA MET A 268 -14.79 -3.48 19.55
C MET A 268 -14.24 -4.08 20.84
N TRP A 269 -12.92 -4.12 20.94
CA TRP A 269 -12.26 -4.60 22.16
C TRP A 269 -11.46 -3.47 22.78
N VAL A 270 -11.49 -3.42 24.10
CA VAL A 270 -10.55 -2.64 24.91
C VAL A 270 -9.72 -3.63 25.70
N GLY A 271 -8.40 -3.44 25.70
CA GLY A 271 -7.50 -4.22 26.52
C GLY A 271 -6.64 -3.33 27.39
N THR A 272 -6.56 -3.62 28.68
CA THR A 272 -5.82 -2.81 29.69
C THR A 272 -5.36 -3.73 30.81
N THR A 273 -5.01 -3.12 31.93
CA THR A 273 -4.76 -3.83 33.16
C THR A 273 -5.65 -3.24 34.23
N GLN A 274 -5.85 -4.02 35.30
CA GLN A 274 -6.65 -3.55 36.42
C GLN A 274 -6.08 -2.26 37.02
N LYS A 275 -4.76 -2.19 37.20
CA LYS A 275 -4.16 -1.00 37.79
C LYS A 275 -4.43 0.23 36.94
N GLU A 276 -4.42 0.07 35.62
CA GLU A 276 -4.71 1.18 34.74
C GLU A 276 -6.11 1.73 34.97
N LEU A 277 -7.08 0.82 35.17
CA LEU A 277 -8.44 1.21 35.52
C LEU A 277 -8.54 1.69 36.96
N GLU A 278 -7.59 1.33 37.82
CA GLU A 278 -7.58 1.90 39.16
C GLU A 278 -7.19 3.37 39.13
N LYS A 279 -6.33 3.76 38.19
CA LYS A 279 -5.88 5.13 38.04
C LYS A 279 -7.06 6.06 37.75
N THR A 280 -6.76 7.34 37.59
CA THR A 280 -7.78 8.30 37.22
C THR A 280 -7.80 8.56 35.73
N ARG A 281 -6.77 8.12 35.02
CA ARG A 281 -6.73 8.20 33.56
C ARG A 281 -5.93 6.99 33.09
N ILE A 282 -6.38 6.40 31.98
CA ILE A 282 -5.69 5.26 31.42
C ILE A 282 -4.47 5.74 30.64
N GLU A 283 -3.31 5.15 30.90
CA GLU A 283 -2.12 5.48 30.15
C GLU A 283 -1.64 4.36 29.24
N ASN A 284 -2.01 3.13 29.54
CA ASN A 284 -1.63 1.99 28.73
C ASN A 284 -2.89 1.28 28.30
N ILE A 285 -3.17 1.30 27.00
CA ILE A 285 -4.41 0.73 26.46
C ILE A 285 -4.17 0.26 25.03
N ARG A 286 -4.93 -0.76 24.63
CA ARG A 286 -4.96 -1.26 23.26
C ARG A 286 -6.40 -1.24 22.79
N LEU A 287 -6.67 -0.57 21.68
CA LEU A 287 -8.00 -0.49 21.08
C LEU A 287 -8.06 -1.35 19.84
N TYR A 288 -9.13 -2.16 19.69
CA TYR A 288 -9.27 -3.13 18.60
C TYR A 288 -10.58 -2.91 17.83
N TYR A 289 -10.50 -2.79 16.50
CA TYR A 289 -11.68 -2.59 15.67
C TYR A 289 -11.71 -3.65 14.57
N TYR A 290 -12.90 -3.88 14.00
CA TYR A 290 -13.14 -4.96 13.05
C TYR A 290 -13.96 -4.49 11.85
N LYS A 291 -13.59 -4.97 10.66
CA LYS A 291 -14.37 -4.82 9.45
C LYS A 291 -14.59 -6.18 8.82
N SER A 292 -15.81 -6.41 8.36
CA SER A 292 -16.22 -7.66 7.75
C SER A 292 -16.20 -7.56 6.23
N PHE A 293 -15.90 -8.68 5.58
CA PHE A 293 -15.76 -8.72 4.12
C PHE A 293 -16.38 -10.01 3.64
N LYS A 294 -17.69 -10.00 3.43
CA LYS A 294 -18.44 -11.21 3.11
C LYS A 294 -18.67 -11.32 1.62
N MET A 295 -18.64 -12.56 1.13
CA MET A 295 -18.82 -12.88 -0.28
C MET A 295 -20.30 -13.11 -0.67
N MET B 1 18.28 -11.13 16.10
CA MET B 1 18.22 -10.49 14.79
C MET B 1 19.63 -10.11 14.27
N ILE B 2 19.74 -9.76 12.99
CA ILE B 2 21.03 -9.58 12.31
C ILE B 2 20.92 -8.51 11.22
N VAL B 3 21.67 -7.40 11.36
CA VAL B 3 21.58 -6.27 10.43
C VAL B 3 21.91 -6.73 9.01
N ALA B 4 22.83 -7.67 8.89
CA ALA B 4 23.21 -8.16 7.56
C ALA B 4 22.02 -8.77 6.82
N GLU B 5 21.15 -9.50 7.52
CA GLU B 5 20.06 -10.21 6.85
C GLU B 5 18.81 -9.35 6.60
N ILE B 6 18.69 -8.17 7.22
CA ILE B 6 17.55 -7.30 6.97
C ILE B 6 17.73 -6.43 5.73
N GLN B 7 18.89 -6.51 5.08
CA GLN B 7 19.09 -5.79 3.85
C GLN B 7 18.50 -6.53 2.65
N LYS B 8 18.24 -7.82 2.79
CA LYS B 8 17.42 -8.51 1.80
C LYS B 8 16.05 -7.87 1.76
N ASN B 9 15.70 -7.32 0.60
CA ASN B 9 14.47 -6.56 0.42
C ASN B 9 14.48 -5.33 1.33
N SER B 10 15.49 -4.50 1.11
CA SER B 10 15.69 -3.26 1.85
C SER B 10 15.38 -2.04 0.99
N LEU B 11 16.10 -1.86 -0.12
CA LEU B 11 15.90 -0.69 -0.97
C LEU B 11 14.56 -0.74 -1.71
N LYS B 12 13.91 -1.89 -1.71
CA LYS B 12 12.54 -1.98 -2.15
C LYS B 12 11.56 -1.29 -1.19
N GLU B 13 12.00 -0.94 0.03
CA GLU B 13 11.12 -0.24 0.95
C GLU B 13 10.99 1.25 0.61
N GLN B 14 12.04 1.88 0.08
CA GLN B 14 11.90 3.26 -0.38
C GLN B 14 10.97 3.35 -1.57
N ARG B 15 11.00 2.34 -2.43
CA ARG B 15 10.14 2.32 -3.61
C ARG B 15 8.67 2.21 -3.20
N ILE B 16 8.35 1.25 -2.32
CA ILE B 16 7.01 1.18 -1.75
C ILE B 16 6.61 2.54 -1.19
N LYS B 17 7.50 3.12 -0.38
CA LYS B 17 7.18 4.32 0.37
C LYS B 17 6.87 5.48 -0.55
N PHE B 18 7.65 5.63 -1.62
CA PHE B 18 7.43 6.69 -2.59
C PHE B 18 6.09 6.52 -3.28
N ILE B 19 5.76 5.29 -3.67
CA ILE B 19 4.49 5.02 -4.33
C ILE B 19 3.33 5.36 -3.40
N ARG B 20 3.41 4.95 -2.12
CA ARG B 20 2.26 5.07 -1.22
C ARG B 20 2.13 6.47 -0.63
N ASN B 21 3.25 7.15 -0.36
CA ASN B 21 3.16 8.55 0.01
C ASN B 21 2.28 9.30 -0.97
N HIS B 22 2.43 9.00 -2.27
CA HIS B 22 1.73 9.77 -3.30
C HIS B 22 0.29 9.33 -3.43
N GLN B 23 0.00 8.03 -3.31
CA GLN B 23 -1.39 7.65 -3.45
C GLN B 23 -2.20 8.12 -2.25
N GLN B 24 -1.61 8.16 -1.05
CA GLN B 24 -2.40 8.63 0.08
C GLN B 24 -2.49 10.15 0.08
N ALA B 25 -1.41 10.85 -0.28
CA ALA B 25 -1.45 12.31 -0.35
C ALA B 25 -2.46 12.82 -1.37
N PHE B 26 -2.71 12.06 -2.43
CA PHE B 26 -3.55 12.57 -3.52
C PHE B 26 -4.74 11.67 -3.84
N ASP B 27 -5.08 10.73 -2.95
CA ASP B 27 -6.36 10.00 -2.98
C ASP B 27 -6.58 9.20 -4.26
N VAL B 28 -5.54 8.47 -4.67
CA VAL B 28 -5.57 7.71 -5.92
C VAL B 28 -6.37 6.45 -5.71
N GLU B 29 -7.33 6.20 -6.59
CA GLU B 29 -8.20 5.02 -6.57
C GLU B 29 -8.46 4.57 -8.01
N PRO B 30 -8.77 3.28 -8.22
CA PRO B 30 -8.80 2.22 -7.22
C PRO B 30 -7.36 1.86 -6.83
N ILE B 31 -7.18 1.19 -5.70
CA ILE B 31 -5.83 0.93 -5.21
C ILE B 31 -5.26 -0.31 -5.86
N TYR B 32 -6.11 -1.26 -6.23
CA TYR B 32 -5.60 -2.55 -6.71
C TYR B 32 -4.63 -2.41 -7.89
N PRO B 33 -4.94 -1.67 -8.96
CA PRO B 33 -3.96 -1.60 -10.06
C PRO B 33 -2.66 -1.01 -9.59
N LEU B 34 -2.71 -0.06 -8.65
CA LEU B 34 -1.50 0.47 -8.03
C LEU B 34 -0.72 -0.64 -7.35
N ARG B 35 -1.43 -1.54 -6.68
CA ARG B 35 -0.77 -2.65 -6.01
C ARG B 35 0.01 -3.51 -7.00
N LEU B 36 -0.55 -3.72 -8.18
CA LEU B 36 0.14 -4.52 -9.19
C LEU B 36 1.35 -3.79 -9.74
N PHE B 37 1.26 -2.45 -9.89
CA PHE B 37 2.43 -1.68 -10.25
C PHE B 37 3.51 -1.83 -9.20
N GLU B 38 3.11 -1.90 -7.93
CA GLU B 38 4.05 -2.06 -6.83
C GLU B 38 4.82 -3.38 -6.94
N ASP B 39 4.12 -4.48 -7.23
CA ASP B 39 4.80 -5.75 -7.52
C ASP B 39 5.85 -5.57 -8.61
N PHE B 40 5.41 -5.07 -9.77
CA PHE B 40 6.32 -4.72 -10.87
C PHE B 40 7.60 -4.06 -10.39
N VAL B 41 7.47 -2.98 -9.63
CA VAL B 41 8.63 -2.24 -9.12
C VAL B 41 9.49 -3.12 -8.19
N MET B 42 8.84 -4.02 -7.44
CA MET B 42 9.59 -4.94 -6.57
C MET B 42 10.49 -5.84 -7.39
N SER B 43 10.01 -6.30 -8.53
CA SER B 43 10.74 -7.25 -9.36
C SER B 43 11.89 -6.61 -10.12
N VAL B 44 12.03 -5.28 -10.08
CA VAL B 44 13.13 -4.59 -10.74
C VAL B 44 14.36 -4.74 -9.87
N GLU B 45 15.38 -5.43 -10.38
CA GLU B 45 16.54 -5.77 -9.56
C GLU B 45 17.72 -4.82 -9.75
N GLY B 46 17.71 -3.98 -10.80
CA GLY B 46 18.81 -3.07 -11.05
C GLY B 46 18.57 -1.69 -10.46
N ASP B 47 19.29 -0.71 -11.00
CA ASP B 47 19.00 0.69 -10.70
C ASP B 47 17.72 1.13 -11.38
N CYS B 48 16.94 1.96 -10.71
CA CYS B 48 15.80 2.53 -11.40
C CYS B 48 15.47 3.91 -10.82
N SER B 49 14.64 4.63 -11.55
CA SER B 49 13.90 5.77 -11.02
C SER B 49 12.41 5.46 -11.09
N ILE B 50 11.65 6.14 -10.22
CA ILE B 50 10.20 6.23 -10.33
C ILE B 50 9.84 7.68 -10.57
N GLU B 51 9.00 7.91 -11.58
CA GLU B 51 8.44 9.22 -11.85
C GLU B 51 7.00 9.26 -11.37
N ALA B 52 6.62 10.32 -10.65
CA ALA B 52 5.26 10.46 -10.12
C ALA B 52 4.69 11.80 -10.56
N SER B 53 3.47 11.78 -11.11
CA SER B 53 2.89 13.01 -11.64
C SER B 53 1.41 13.14 -11.30
N CYS B 54 0.91 14.38 -11.39
CA CYS B 54 -0.49 14.72 -11.22
C CYS B 54 -0.95 15.62 -12.37
N LYS B 55 -2.07 15.27 -12.99
CA LYS B 55 -2.76 16.22 -13.87
C LYS B 55 -3.66 17.09 -13.01
N ILE B 56 -3.67 18.39 -13.29
CA ILE B 56 -4.51 19.33 -12.57
C ILE B 56 -5.36 20.07 -13.58
N GLU B 57 -6.67 20.13 -13.32
CA GLU B 57 -7.62 20.83 -14.19
C GLU B 57 -8.50 21.70 -13.29
N LEU B 58 -8.18 22.99 -13.23
CA LEU B 58 -8.91 23.98 -12.42
C LEU B 58 -8.69 23.57 -10.96
N ASP B 59 -9.75 23.43 -10.16
CA ASP B 59 -9.60 23.07 -8.76
C ASP B 59 -9.24 21.59 -8.55
N LYS B 60 -9.34 20.75 -9.59
CA LYS B 60 -9.48 19.30 -9.45
C LYS B 60 -8.18 18.53 -9.72
N LEU B 61 -8.07 17.38 -9.04
CA LEU B 61 -6.97 16.44 -9.25
C LEU B 61 -7.48 15.36 -10.20
N ILE B 62 -7.13 15.49 -11.48
CA ILE B 62 -7.74 14.63 -12.48
C ILE B 62 -7.01 13.31 -12.67
N ALA B 63 -5.69 13.26 -12.44
CA ALA B 63 -5.01 11.98 -12.62
C ALA B 63 -3.70 11.95 -11.86
N SER B 64 -3.31 10.75 -11.47
CA SER B 64 -1.97 10.49 -10.97
C SER B 64 -1.33 9.40 -11.82
N ARG B 65 -0.02 9.49 -11.95
CA ARG B 65 0.68 8.59 -12.85
C ARG B 65 1.99 8.17 -12.21
N PHE B 66 2.36 6.91 -12.44
CA PHE B 66 3.63 6.36 -12.00
C PHE B 66 4.33 5.65 -13.16
N MET B 67 5.58 6.00 -13.40
CA MET B 67 6.40 5.38 -14.44
C MET B 67 7.71 4.95 -13.81
N LEU B 68 8.10 3.70 -14.05
CA LEU B 68 9.41 3.22 -13.64
C LEU B 68 10.41 3.40 -14.79
N PHE B 69 11.48 4.12 -14.54
CA PHE B 69 12.55 4.27 -15.53
C PHE B 69 13.65 3.26 -15.23
N PHE B 70 13.89 2.35 -16.16
CA PHE B 70 15.02 1.42 -16.05
C PHE B 70 16.35 2.13 -16.33
N LYS B 71 17.38 1.80 -15.55
CA LYS B 71 18.65 2.50 -15.64
C LYS B 71 19.78 1.69 -16.23
N ASP B 72 19.74 0.37 -16.11
CA ASP B 72 20.84 -0.39 -16.70
C ASP B 72 20.54 -0.61 -18.19
N GLN B 73 21.13 -1.62 -18.81
CA GLN B 73 21.15 -1.70 -20.26
C GLN B 73 20.38 -2.88 -20.85
N GLU B 74 19.71 -3.66 -20.03
CA GLU B 74 19.08 -4.88 -20.52
C GLU B 74 17.66 -4.55 -21.00
N TRP B 75 17.63 -3.80 -22.10
CA TRP B 75 16.37 -3.26 -22.62
C TRP B 75 15.36 -4.35 -22.93
N GLU B 76 15.82 -5.41 -23.61
CA GLU B 76 14.93 -6.51 -23.96
C GLU B 76 14.24 -7.11 -22.74
N LYS B 77 15.03 -7.36 -21.69
CA LYS B 77 14.48 -7.96 -20.47
C LYS B 77 13.46 -7.02 -19.83
N TYR B 78 13.77 -5.72 -19.80
CA TYR B 78 12.83 -4.75 -19.23
C TYR B 78 11.50 -4.78 -19.98
N LEU B 79 11.56 -4.90 -21.31
CA LEU B 79 10.33 -4.97 -22.09
C LEU B 79 9.52 -6.19 -21.71
N THR B 80 10.18 -7.32 -21.41
CA THR B 80 9.45 -8.53 -21.04
C THR B 80 8.83 -8.38 -19.66
N GLN B 81 9.55 -7.77 -18.72
CA GLN B 81 8.98 -7.52 -17.40
C GLN B 81 7.78 -6.58 -17.49
N SER B 82 7.90 -5.55 -18.32
CA SER B 82 6.81 -4.60 -18.46
C SER B 82 5.57 -5.27 -19.01
N LEU B 83 5.74 -6.10 -20.05
CA LEU B 83 4.57 -6.74 -20.65
C LEU B 83 3.97 -7.77 -19.70
N ALA B 84 4.79 -8.37 -18.85
CA ALA B 84 4.27 -9.29 -17.84
C ALA B 84 3.45 -8.54 -16.82
N PHE B 85 3.92 -7.36 -16.40
CA PHE B 85 3.10 -6.51 -15.55
C PHE B 85 1.75 -6.21 -16.22
N PHE B 86 1.77 -5.84 -17.51
CA PHE B 86 0.53 -5.52 -18.23
C PHE B 86 -0.43 -6.71 -18.28
N ARG B 87 0.08 -7.91 -18.60
CA ARG B 87 -0.75 -9.12 -18.58
C ARG B 87 -1.40 -9.32 -17.22
N GLN B 88 -0.66 -9.06 -16.14
CA GLN B 88 -1.22 -9.21 -14.80
C GLN B 88 -2.32 -8.20 -14.54
N VAL B 89 -2.24 -7.00 -15.11
CA VAL B 89 -3.33 -6.05 -14.96
C VAL B 89 -4.57 -6.52 -15.72
N GLU B 90 -4.38 -7.06 -16.93
CA GLU B 90 -5.50 -7.62 -17.67
C GLU B 90 -6.12 -8.78 -16.91
N ASN B 91 -5.29 -9.68 -16.38
CA ASN B 91 -5.81 -10.87 -15.72
C ASN B 91 -6.59 -10.54 -14.45
N ARG B 92 -6.13 -9.55 -13.68
CA ARG B 92 -6.62 -9.34 -12.31
C ARG B 92 -7.59 -8.17 -12.16
N VAL B 93 -7.51 -7.16 -13.02
CA VAL B 93 -8.56 -6.15 -13.05
C VAL B 93 -9.69 -6.61 -13.96
N GLY B 94 -9.40 -7.47 -14.93
CA GLY B 94 -10.38 -7.92 -15.89
C GLY B 94 -10.59 -6.91 -17.00
N VAL B 95 -9.52 -6.57 -17.74
CA VAL B 95 -9.62 -5.72 -18.91
C VAL B 95 -8.84 -6.38 -20.04
N GLN B 96 -9.14 -5.97 -21.26
CA GLN B 96 -8.52 -6.53 -22.46
C GLN B 96 -7.80 -5.39 -23.19
N LEU B 97 -6.48 -5.46 -23.25
CA LEU B 97 -5.71 -4.38 -23.86
C LEU B 97 -5.44 -4.69 -25.33
N ASP B 98 -5.34 -3.63 -26.14
CA ASP B 98 -5.03 -3.76 -27.56
C ASP B 98 -3.53 -3.52 -27.74
N TYR B 99 -2.81 -4.57 -28.14
CA TYR B 99 -1.36 -4.51 -28.27
C TYR B 99 -0.89 -4.28 -29.70
N SER B 100 -1.80 -4.16 -30.67
CA SER B 100 -1.41 -4.21 -32.07
C SER B 100 -0.38 -3.13 -32.45
N LEU B 101 -0.58 -1.91 -31.98
CA LEU B 101 0.31 -0.80 -32.34
C LEU B 101 1.70 -1.00 -31.81
N LEU B 102 1.84 -1.58 -30.61
CA LEU B 102 3.17 -1.89 -30.10
C LEU B 102 3.82 -3.02 -30.89
N GLN B 103 3.03 -3.98 -31.35
CA GLN B 103 3.60 -5.09 -32.11
C GLN B 103 3.95 -4.66 -33.51
N LYS B 104 3.13 -3.80 -34.13
CA LYS B 104 3.44 -3.32 -35.47
C LYS B 104 4.69 -2.46 -35.42
N PHE B 105 4.87 -1.67 -34.37
CA PHE B 105 6.04 -0.82 -34.29
C PHE B 105 7.30 -1.63 -34.03
N LEU B 106 7.22 -2.63 -33.13
CA LEU B 106 8.40 -3.43 -32.84
C LEU B 106 8.68 -4.39 -33.98
N GLY B 107 7.65 -5.03 -34.51
CA GLY B 107 7.92 -6.05 -35.51
C GLY B 107 8.81 -7.13 -34.92
N HIS B 108 9.56 -7.80 -35.79
CA HIS B 108 10.47 -8.84 -35.32
C HIS B 108 11.94 -8.48 -35.51
N ASN B 109 12.25 -7.21 -35.68
CA ASN B 109 13.63 -6.84 -36.00
C ASN B 109 14.13 -5.66 -35.17
N PHE B 110 13.51 -5.38 -34.03
CA PHE B 110 13.85 -4.17 -33.30
C PHE B 110 15.30 -4.20 -32.82
N ASP B 111 16.01 -3.10 -33.06
CA ASP B 111 17.43 -2.95 -32.74
C ASP B 111 17.50 -2.29 -31.36
N PHE B 112 17.72 -3.08 -30.32
CA PHE B 112 17.65 -2.54 -28.97
C PHE B 112 18.87 -1.69 -28.61
N SER B 113 19.92 -1.73 -29.42
CA SER B 113 21.05 -0.85 -29.15
C SER B 113 20.71 0.61 -29.45
N LYS B 114 19.68 0.86 -30.23
CA LYS B 114 19.31 2.23 -30.50
C LYS B 114 18.49 2.88 -29.38
N LEU B 115 18.27 2.16 -28.27
CA LEU B 115 17.42 2.63 -27.17
C LEU B 115 18.25 3.40 -26.15
N GLU B 116 17.89 4.67 -25.91
CA GLU B 116 18.43 5.45 -24.80
C GLU B 116 17.61 5.35 -23.50
N VAL B 117 16.28 5.21 -23.59
CA VAL B 117 15.43 5.30 -22.40
C VAL B 117 14.22 4.37 -22.57
N LEU B 118 13.87 3.66 -21.51
CA LEU B 118 12.64 2.88 -21.51
C LEU B 118 11.97 3.03 -20.16
N SER B 119 10.69 3.38 -20.18
CA SER B 119 9.91 3.47 -18.96
C SER B 119 8.54 2.83 -19.19
N ALA B 120 7.99 2.27 -18.12
CA ALA B 120 6.70 1.59 -18.19
C ALA B 120 5.97 1.85 -16.90
N GLY B 121 4.65 2.01 -16.98
CA GLY B 121 3.85 2.29 -15.80
C GLY B 121 2.39 2.53 -16.09
N LEU B 122 1.76 3.40 -15.31
CA LEU B 122 0.31 3.38 -15.16
C LEU B 122 -0.23 4.77 -14.87
N ASP B 123 -1.30 5.13 -15.59
CA ASP B 123 -1.99 6.41 -15.42
C ASP B 123 -3.41 6.14 -14.88
N LEU B 124 -3.70 6.64 -13.68
CA LEU B 124 -4.94 6.37 -12.98
C LEU B 124 -5.82 7.61 -13.04
N ARG B 125 -6.94 7.50 -13.75
CA ARG B 125 -7.95 8.54 -13.81
C ARG B 125 -9.16 8.13 -12.99
N THR B 126 -9.89 9.14 -12.54
CA THR B 126 -11.06 8.90 -11.70
C THR B 126 -12.08 8.00 -12.41
N ASN B 127 -12.14 8.06 -13.74
CA ASN B 127 -12.96 7.15 -14.53
C ASN B 127 -12.11 5.95 -14.99
N LEU B 128 -12.35 4.78 -14.40
CA LEU B 128 -11.49 3.62 -14.67
C LEU B 128 -11.30 3.37 -16.17
N ALA B 129 -12.33 3.64 -16.96
CA ALA B 129 -12.23 3.43 -18.40
C ALA B 129 -11.19 4.33 -19.05
N ASP B 130 -10.92 5.51 -18.48
CA ASP B 130 -9.98 6.44 -19.08
C ASP B 130 -8.57 6.29 -18.53
N SER B 131 -8.33 5.29 -17.68
CA SER B 131 -7.01 4.92 -17.17
C SER B 131 -6.26 4.04 -18.18
N SER B 132 -4.94 4.02 -18.06
CA SER B 132 -4.13 3.31 -19.06
C SER B 132 -2.80 2.83 -18.47
N LEU B 133 -2.26 1.77 -19.08
CA LEU B 133 -0.85 1.42 -18.98
C LEU B 133 -0.05 2.11 -20.10
N LYS B 134 1.19 2.51 -19.80
CA LYS B 134 2.00 3.27 -20.75
C LYS B 134 3.40 2.69 -20.90
N ILE B 135 3.99 2.93 -22.08
CA ILE B 135 5.40 2.68 -22.34
C ILE B 135 5.97 3.85 -23.13
N HIS B 136 7.02 4.47 -22.60
CA HIS B 136 7.71 5.58 -23.23
C HIS B 136 9.10 5.08 -23.63
N ILE B 137 9.51 5.37 -24.88
CA ILE B 137 10.85 5.01 -25.32
C ILE B 137 11.58 6.19 -25.98
N ARG B 138 12.88 6.22 -25.78
CA ARG B 138 13.76 7.11 -26.52
C ARG B 138 14.64 6.28 -27.41
N ILE B 139 14.62 6.59 -28.70
CA ILE B 139 15.51 5.95 -29.66
C ILE B 139 16.36 7.03 -30.33
N LYS B 140 17.65 6.81 -30.42
CA LYS B 140 18.52 7.76 -31.12
C LYS B 140 19.16 7.09 -32.32
N ASP B 141 19.03 7.74 -33.48
CA ASP B 141 19.67 7.33 -34.73
C ASP B 141 19.11 6.00 -35.23
N TYR B 142 17.77 5.96 -35.33
CA TYR B 142 17.03 4.80 -35.78
C TYR B 142 15.91 5.30 -36.70
N PRO B 143 16.27 5.89 -37.84
CA PRO B 143 15.24 6.48 -38.71
C PRO B 143 14.23 5.46 -39.24
N GLU B 144 14.62 4.19 -39.37
CA GLU B 144 13.67 3.14 -39.78
C GLU B 144 12.48 3.08 -38.82
N LYS B 145 12.74 2.96 -37.51
CA LYS B 145 11.62 2.88 -36.57
C LYS B 145 10.93 4.23 -36.35
N ILE B 146 11.66 5.35 -36.42
CA ILE B 146 10.97 6.65 -36.34
C ILE B 146 9.96 6.76 -37.49
N ASN B 147 10.36 6.34 -38.68
CA ASN B 147 9.44 6.35 -39.82
C ASN B 147 8.28 5.40 -39.62
N GLN B 148 8.57 4.19 -39.11
CA GLN B 148 7.51 3.25 -38.75
C GLN B 148 6.48 3.90 -37.84
N ALA B 149 6.93 4.51 -36.75
CA ALA B 149 5.97 5.09 -35.83
C ALA B 149 5.21 6.24 -36.48
N LEU B 150 5.91 7.05 -37.28
CA LEU B 150 5.24 8.10 -38.05
C LEU B 150 4.11 7.54 -38.90
N SER B 151 4.32 6.36 -39.49
CA SER B 151 3.28 5.74 -40.30
C SER B 151 2.06 5.35 -39.45
N LEU B 152 2.31 4.89 -38.21
CA LEU B 152 1.26 4.34 -37.36
C LEU B 152 0.47 5.43 -36.62
N THR B 153 1.08 6.57 -36.33
CA THR B 153 0.42 7.62 -35.58
C THR B 153 -0.72 8.24 -36.39
N ILE B 154 -1.64 8.87 -35.67
CA ILE B 154 -2.57 9.80 -36.29
C ILE B 154 -1.80 11.06 -36.69
N ASP B 155 -1.99 11.51 -37.93
CA ASP B 155 -1.40 12.76 -38.41
C ASP B 155 0.13 12.73 -38.35
N GLY B 156 0.71 11.61 -38.77
CA GLY B 156 2.16 11.51 -38.79
C GLY B 156 2.80 12.41 -39.84
N ASP B 157 2.02 12.82 -40.84
CA ASP B 157 2.55 13.68 -41.90
C ASP B 157 2.91 15.07 -41.40
N ASP B 158 2.28 15.51 -40.31
CA ASP B 158 2.56 16.86 -39.82
C ASP B 158 3.96 16.94 -39.21
N LEU B 159 4.35 15.94 -38.44
CA LEU B 159 5.62 16.00 -37.71
C LEU B 159 6.87 15.92 -38.61
N THR B 160 6.67 15.93 -39.94
CA THR B 160 7.79 15.75 -40.86
C THR B 160 8.72 16.96 -40.88
N ALA B 161 8.18 18.17 -40.64
CA ALA B 161 9.02 19.36 -40.63
C ALA B 161 10.04 19.34 -39.49
N VAL B 162 9.70 18.70 -38.37
CA VAL B 162 10.59 18.59 -37.23
C VAL B 162 11.25 17.22 -37.16
N ARG B 163 11.29 16.50 -38.28
CA ARG B 163 11.73 15.11 -38.32
C ARG B 163 12.98 14.85 -37.49
N ASP B 164 13.98 15.72 -37.62
CA ASP B 164 15.24 15.49 -36.92
C ASP B 164 15.13 15.68 -35.41
N PHE B 165 13.99 16.14 -34.91
CA PHE B 165 13.79 16.36 -33.48
C PHE B 165 12.96 15.27 -32.82
N LEU B 166 12.68 14.17 -33.54
CA LEU B 166 11.85 13.07 -33.04
C LEU B 166 12.73 11.99 -32.42
N SER B 167 12.46 11.65 -31.16
CA SER B 167 13.26 10.64 -30.48
C SER B 167 12.45 9.81 -29.48
N VAL B 168 11.29 10.34 -29.06
CA VAL B 168 10.46 9.77 -27.99
C VAL B 168 9.18 9.21 -28.62
N VAL B 169 9.02 7.89 -28.59
CA VAL B 169 7.80 7.22 -29.01
C VAL B 169 7.08 6.74 -27.76
N GLY B 170 5.77 7.01 -27.66
CA GLY B 170 5.00 6.62 -26.50
C GLY B 170 3.81 5.74 -26.86
N PHE B 171 3.47 4.83 -25.95
CA PHE B 171 2.37 3.89 -26.17
C PHE B 171 1.38 3.95 -25.01
N ASP B 172 0.10 4.09 -25.34
CA ASP B 172 -0.99 4.17 -24.35
C ASP B 172 -1.90 2.96 -24.52
N PHE B 173 -2.21 2.30 -23.39
CA PHE B 173 -3.03 1.09 -23.35
C PHE B 173 -4.21 1.35 -22.40
N TYR B 174 -5.28 1.94 -22.91
CA TYR B 174 -6.43 2.27 -22.10
C TYR B 174 -7.19 1.01 -21.65
N PHE B 175 -7.72 1.08 -20.42
CA PHE B 175 -8.38 -0.05 -19.78
C PHE B 175 -9.66 -0.49 -20.50
N ASP B 176 -10.26 0.37 -21.32
CA ASP B 176 -11.42 0.00 -22.12
C ASP B 176 -11.03 -0.61 -23.45
N GLY B 177 -9.74 -0.85 -23.68
CA GLY B 177 -9.28 -1.47 -24.89
C GLY B 177 -8.95 -0.53 -26.02
N ARG B 178 -9.05 0.78 -25.82
CA ARG B 178 -8.48 1.72 -26.76
C ARG B 178 -6.96 1.70 -26.63
N SER B 179 -6.26 2.21 -27.65
CA SER B 179 -4.80 2.30 -27.58
C SER B 179 -4.29 3.30 -28.60
N ALA B 180 -3.06 3.77 -28.38
CA ALA B 180 -2.51 4.88 -29.15
C ALA B 180 -0.99 4.79 -29.22
N ILE B 181 -0.42 5.39 -30.25
CA ILE B 181 1.01 5.58 -30.39
C ILE B 181 1.27 7.06 -30.66
N GLU B 182 2.25 7.62 -29.98
CA GLU B 182 2.55 9.04 -30.08
C GLU B 182 4.04 9.25 -30.25
N ILE B 183 4.40 10.31 -30.99
CA ILE B 183 5.77 10.74 -31.18
C ILE B 183 5.92 12.12 -30.58
N TYR B 184 6.95 12.34 -29.80
CA TYR B 184 7.15 13.63 -29.17
C TYR B 184 8.46 14.26 -29.64
N PRO B 185 8.41 15.37 -30.34
CA PRO B 185 9.66 16.09 -30.68
C PRO B 185 10.23 16.78 -29.46
N GLU B 186 11.57 16.76 -29.33
CA GLU B 186 12.22 17.55 -28.28
C GLU B 186 13.56 18.15 -28.74
N VAL B 187 14.01 19.13 -27.94
CA VAL B 187 15.22 19.90 -28.18
C VAL B 187 16.09 19.85 -26.94
N LYS B 188 17.31 19.35 -27.10
CA LYS B 188 18.27 19.35 -26.01
C LYS B 188 18.84 20.76 -25.81
N LYS B 189 19.14 21.06 -24.55
CA LYS B 189 19.75 22.33 -24.18
C LYS B 189 20.94 22.65 -25.08
N GLU B 190 21.85 21.69 -25.23
CA GLU B 190 23.01 21.91 -26.09
C GLU B 190 22.63 22.29 -27.52
N ASP B 191 21.36 22.15 -27.92
CA ASP B 191 20.95 22.54 -29.27
C ASP B 191 20.03 23.76 -29.28
N PHE B 192 19.94 24.51 -28.17
CA PHE B 192 19.05 25.67 -28.14
C PHE B 192 19.51 26.75 -29.13
N PHE B 193 20.81 26.91 -29.25
CA PHE B 193 21.40 28.04 -29.95
C PHE B 193 21.98 27.62 -31.30
N LYS B 194 21.24 26.73 -31.98
CA LYS B 194 21.66 26.25 -33.27
C LYS B 194 20.64 26.65 -34.31
N PRO B 195 21.08 27.16 -35.45
CA PRO B 195 20.12 27.68 -36.43
C PRO B 195 19.08 26.67 -36.86
N LYS B 196 19.47 25.39 -36.96
CA LYS B 196 18.48 24.37 -37.29
C LYS B 196 17.33 24.37 -36.29
N THR B 197 17.64 24.46 -34.98
CA THR B 197 16.60 24.59 -33.97
C THR B 197 15.78 25.84 -34.20
N GLN B 198 16.46 26.96 -34.46
CA GLN B 198 15.81 28.25 -34.67
C GLN B 198 14.84 28.22 -35.85
N GLU B 199 15.29 27.68 -36.99
CA GLU B 199 14.44 27.62 -38.18
C GLU B 199 13.20 26.77 -37.91
N LYS B 200 13.40 25.57 -37.35
CA LYS B 200 12.33 24.56 -37.29
C LYS B 200 11.44 24.68 -36.07
N VAL B 201 11.92 25.26 -34.97
CA VAL B 201 11.21 25.19 -33.69
C VAL B 201 10.91 26.58 -33.11
N TRP B 202 11.95 27.31 -32.70
CA TRP B 202 11.72 28.57 -31.98
C TRP B 202 10.89 29.55 -32.81
N GLN B 203 11.11 29.56 -34.13
CA GLN B 203 10.49 30.55 -35.01
C GLN B 203 8.98 30.61 -34.84
N HIS B 204 8.34 29.46 -34.62
CA HIS B 204 6.89 29.33 -34.65
C HIS B 204 6.24 29.39 -33.28
N LEU B 205 6.96 29.89 -32.27
CA LEU B 205 6.39 29.94 -30.93
C LEU B 205 6.51 31.33 -30.35
N PRO B 206 5.49 31.79 -29.64
CA PRO B 206 5.51 33.17 -29.11
C PRO B 206 6.62 33.38 -28.11
N LYS B 207 6.74 34.61 -27.62
CA LYS B 207 7.78 34.90 -26.66
C LYS B 207 7.52 34.20 -25.33
N PHE B 208 6.25 34.18 -24.89
CA PHE B 208 5.98 33.69 -23.55
C PHE B 208 6.20 32.18 -23.44
N VAL B 209 6.14 31.44 -24.55
CA VAL B 209 6.47 30.02 -24.52
C VAL B 209 7.97 29.82 -24.36
N LEU B 210 8.79 30.66 -25.00
CA LEU B 210 10.25 30.51 -24.97
C LEU B 210 10.86 30.99 -23.66
N GLU B 211 10.11 31.72 -22.85
CA GLU B 211 10.71 32.36 -21.68
C GLU B 211 11.27 31.37 -20.67
N PRO B 212 10.57 30.32 -20.24
CA PRO B 212 11.13 29.46 -19.17
C PRO B 212 12.26 28.58 -19.66
N LEU B 213 12.57 28.64 -20.95
CA LEU B 213 13.72 27.94 -21.49
C LEU B 213 15.01 28.30 -20.77
N GLN B 214 15.08 29.47 -20.14
CA GLN B 214 16.31 29.85 -19.44
C GLN B 214 16.64 28.91 -18.30
N VAL B 215 15.65 28.18 -17.78
CA VAL B 215 15.84 27.30 -16.64
C VAL B 215 15.56 25.83 -17.04
N THR B 216 15.67 25.54 -18.31
CA THR B 216 15.25 24.28 -18.89
C THR B 216 16.43 23.61 -19.56
N ASN B 217 16.58 22.30 -19.33
CA ASN B 217 17.60 21.52 -20.02
C ASN B 217 17.01 20.58 -21.06
N LEU B 218 15.69 20.58 -21.26
CA LEU B 218 15.09 19.73 -22.29
C LEU B 218 13.65 20.18 -22.51
N PHE B 219 13.28 20.39 -23.77
CA PHE B 219 12.00 20.99 -24.13
C PHE B 219 11.31 20.11 -25.15
N GLY B 220 10.05 19.78 -24.89
CA GLY B 220 9.26 18.98 -25.80
C GLY B 220 8.08 19.80 -26.27
N PHE B 221 7.59 19.48 -27.46
CA PHE B 221 6.49 20.28 -27.99
C PHE B 221 5.64 19.40 -28.90
N GLY B 222 4.34 19.44 -28.66
CA GLY B 222 3.38 18.65 -29.42
C GLY B 222 2.76 19.48 -30.51
N PHE B 223 3.53 20.47 -30.98
CA PHE B 223 3.12 21.29 -32.12
C PHE B 223 2.94 20.41 -33.34
N SER B 224 1.72 19.88 -33.51
CA SER B 224 1.41 19.05 -34.66
C SER B 224 0.62 19.84 -35.69
N ASN B 229 -2.81 25.64 -31.33
CA ASN B 229 -2.30 25.64 -29.96
C ASN B 229 -1.51 24.38 -29.66
N PRO B 230 -0.23 24.54 -29.28
CA PRO B 230 0.62 23.36 -29.06
C PRO B 230 0.77 22.95 -27.59
N VAL B 231 1.08 21.68 -27.38
CA VAL B 231 1.57 21.18 -26.11
C VAL B 231 3.03 21.56 -25.95
N VAL B 232 3.43 21.86 -24.73
CA VAL B 232 4.83 22.16 -24.42
C VAL B 232 5.22 21.42 -23.14
N TYR B 233 6.47 20.97 -23.10
CA TYR B 233 7.02 20.26 -21.95
C TYR B 233 8.35 20.90 -21.57
N TYR B 234 8.46 21.36 -20.33
CA TYR B 234 9.69 21.93 -19.80
C TYR B 234 10.28 21.00 -18.75
N ARG B 235 11.50 20.52 -19.01
CA ARG B 235 12.25 19.79 -17.99
C ARG B 235 13.11 20.80 -17.25
N LEU B 236 12.57 21.33 -16.15
CA LEU B 236 13.26 22.35 -15.38
C LEU B 236 14.45 21.74 -14.66
N LYS B 237 15.53 22.53 -14.56
CA LYS B 237 16.76 22.00 -13.98
C LYS B 237 16.64 21.84 -12.47
N GLY B 238 15.80 22.63 -11.81
CA GLY B 238 15.58 22.50 -10.38
C GLY B 238 14.13 22.77 -10.03
N ARG B 239 13.67 22.08 -8.96
CA ARG B 239 12.30 22.26 -8.50
C ARG B 239 12.05 23.64 -7.93
N GLN B 240 13.10 24.34 -7.51
CA GLN B 240 12.99 25.67 -6.92
C GLN B 240 12.48 26.72 -7.91
N ASP B 241 12.52 26.45 -9.21
CA ASP B 241 12.26 27.51 -10.19
C ASP B 241 10.87 27.44 -10.81
N LEU B 242 10.00 26.54 -10.37
CA LEU B 242 8.69 26.40 -11.03
C LEU B 242 7.85 27.66 -10.85
N THR B 243 7.75 28.16 -9.62
CA THR B 243 6.89 29.31 -9.39
C THR B 243 7.58 30.63 -9.76
N ASN B 244 8.82 30.58 -10.23
CA ASN B 244 9.44 31.76 -10.79
C ASN B 244 9.09 31.96 -12.26
N TYR B 245 8.66 30.91 -12.95
CA TYR B 245 8.39 30.96 -14.38
C TYR B 245 7.02 30.44 -14.77
N PHE B 246 6.26 29.86 -13.84
CA PHE B 246 4.90 29.43 -14.16
C PHE B 246 3.97 29.90 -13.06
N LYS B 247 2.85 30.51 -13.46
CA LYS B 247 1.84 31.00 -12.53
C LYS B 247 0.81 29.89 -12.32
N ILE B 248 1.00 29.11 -11.25
CA ILE B 248 0.17 27.93 -10.99
C ILE B 248 -0.97 28.29 -10.05
N ASN B 249 -2.01 27.46 -10.03
CA ASN B 249 -3.17 27.70 -9.17
C ASN B 249 -2.99 27.03 -7.80
N ASP B 250 -4.08 26.92 -7.05
CA ASP B 250 -4.00 26.53 -5.64
C ASP B 250 -3.63 25.06 -5.48
N THR B 251 -4.42 24.17 -6.09
CA THR B 251 -4.14 22.74 -5.90
C THR B 251 -2.81 22.36 -6.54
N ALA B 252 -2.47 22.96 -7.68
CA ALA B 252 -1.15 22.70 -8.27
C ALA B 252 -0.03 23.10 -7.31
N GLN B 253 -0.20 24.23 -6.62
CA GLN B 253 0.80 24.62 -5.62
C GLN B 253 0.83 23.63 -4.48
N ARG B 254 -0.33 23.06 -4.15
CA ARG B 254 -0.38 22.03 -3.12
C ARG B 254 0.50 20.84 -3.49
N VAL B 255 0.34 20.33 -4.71
CA VAL B 255 1.15 19.21 -5.19
C VAL B 255 2.63 19.60 -5.21
N HIS B 256 2.95 20.76 -5.78
CA HIS B 256 4.35 21.15 -5.85
C HIS B 256 4.97 21.25 -4.46
N SER B 257 4.26 21.85 -3.51
CA SER B 257 4.80 21.97 -2.16
C SER B 257 5.00 20.60 -1.51
N PHE B 258 4.19 19.62 -1.87
CA PHE B 258 4.38 18.27 -1.35
C PHE B 258 5.73 17.70 -1.75
N TYR B 259 6.21 18.04 -2.95
CA TYR B 259 7.42 17.42 -3.45
C TYR B 259 8.66 18.29 -3.34
N GLN B 260 8.50 19.62 -3.42
CA GLN B 260 9.67 20.48 -3.37
C GLN B 260 10.42 20.33 -2.05
N HIS B 261 9.72 19.92 -0.99
CA HIS B 261 10.38 19.60 0.27
C HIS B 261 11.36 18.44 0.11
N GLN B 262 10.91 17.33 -0.48
CA GLN B 262 11.52 16.02 -0.27
C GLN B 262 12.92 15.93 -0.87
N ASP B 263 13.65 14.90 -0.42
CA ASP B 263 14.99 14.62 -0.94
C ASP B 263 14.87 13.68 -2.14
N ILE B 264 14.39 14.27 -3.23
CA ILE B 264 14.19 13.59 -4.50
C ILE B 264 15.13 14.24 -5.51
N LEU B 265 15.15 13.73 -6.74
CA LEU B 265 16.03 14.28 -7.76
C LEU B 265 15.70 15.75 -8.01
N PRO B 266 16.68 16.54 -8.46
CA PRO B 266 16.40 17.97 -8.68
C PRO B 266 15.55 18.27 -9.90
N ASN B 267 15.72 17.53 -11.01
CA ASN B 267 14.96 17.85 -12.23
C ASN B 267 13.47 17.52 -12.09
N MET B 268 12.65 18.25 -12.82
CA MET B 268 11.22 18.03 -12.82
C MET B 268 10.68 18.49 -14.17
N TRP B 269 9.50 17.98 -14.53
CA TRP B 269 8.90 18.37 -15.78
C TRP B 269 7.67 19.20 -15.50
N VAL B 270 7.38 20.12 -16.41
CA VAL B 270 6.10 20.82 -16.45
C VAL B 270 5.50 20.56 -17.82
N GLY B 271 4.24 20.11 -17.84
CA GLY B 271 3.51 19.88 -19.07
C GLY B 271 2.23 20.70 -19.13
N THR B 272 2.06 21.46 -20.20
CA THR B 272 0.98 22.44 -20.35
C THR B 272 0.77 22.67 -21.84
N THR B 273 -0.05 23.67 -22.16
CA THR B 273 -0.22 24.16 -23.52
C THR B 273 0.16 25.63 -23.56
N GLN B 274 0.31 26.13 -24.78
CA GLN B 274 0.71 27.53 -24.99
C GLN B 274 -0.35 28.49 -24.49
N LYS B 275 -1.60 28.30 -24.90
CA LYS B 275 -2.67 29.21 -24.50
C LYS B 275 -2.73 29.37 -22.99
N GLU B 276 -2.48 28.29 -22.26
CA GLU B 276 -2.43 28.35 -20.80
C GLU B 276 -1.36 29.31 -20.31
N LEU B 277 -0.20 29.31 -20.99
CA LEU B 277 0.87 30.23 -20.63
C LEU B 277 0.55 31.68 -21.02
N GLU B 278 -0.39 31.88 -21.94
CA GLU B 278 -0.91 33.21 -22.23
C GLU B 278 -1.92 33.68 -21.19
N LYS B 279 -2.56 32.74 -20.48
CA LYS B 279 -3.63 33.04 -19.53
C LYS B 279 -3.10 33.84 -18.34
N THR B 280 -4.04 34.41 -17.59
CA THR B 280 -3.66 35.09 -16.36
C THR B 280 -3.00 34.10 -15.39
N ARG B 281 -3.54 32.88 -15.32
CA ARG B 281 -2.97 31.83 -14.49
C ARG B 281 -3.20 30.49 -15.16
N ILE B 282 -2.24 29.58 -15.00
CA ILE B 282 -2.32 28.26 -15.60
C ILE B 282 -3.45 27.49 -14.93
N GLU B 283 -4.42 27.04 -15.72
CA GLU B 283 -5.52 26.24 -15.17
C GLU B 283 -5.36 24.75 -15.45
N ASN B 284 -4.65 24.38 -16.50
CA ASN B 284 -4.45 22.99 -16.84
C ASN B 284 -2.96 22.70 -16.92
N ILE B 285 -2.46 21.90 -15.97
CA ILE B 285 -1.05 21.62 -15.87
C ILE B 285 -0.84 20.17 -15.42
N ARG B 286 0.34 19.65 -15.70
CA ARG B 286 0.82 18.36 -15.19
C ARG B 286 2.23 18.57 -14.67
N LEU B 287 2.49 18.09 -13.46
CA LEU B 287 3.78 18.24 -12.81
C LEU B 287 4.37 16.88 -12.54
N TYR B 288 5.64 16.67 -12.91
CA TYR B 288 6.28 15.37 -12.85
C TYR B 288 7.51 15.43 -11.96
N TYR B 289 7.62 14.50 -11.00
CA TYR B 289 8.75 14.43 -10.09
C TYR B 289 9.40 13.05 -10.13
N TYR B 290 10.67 13.00 -9.74
CA TYR B 290 11.47 11.78 -9.84
C TYR B 290 12.25 11.51 -8.55
N LYS B 291 12.30 10.25 -8.16
CA LYS B 291 13.18 9.79 -7.11
C LYS B 291 14.06 8.67 -7.65
N SER B 292 15.32 8.65 -7.22
CA SER B 292 16.28 7.65 -7.67
C SER B 292 16.44 6.54 -6.64
N PHE B 293 16.71 5.34 -7.13
CA PHE B 293 16.87 4.17 -6.27
C PHE B 293 18.00 3.36 -6.88
N LYS B 294 19.23 3.74 -6.55
CA LYS B 294 20.41 3.07 -7.10
C LYS B 294 20.81 1.92 -6.18
N MET B 295 20.96 0.73 -6.76
CA MET B 295 21.29 -0.46 -5.98
C MET B 295 22.81 -0.59 -5.82
#